data_1IQH
#
_entry.id   1IQH
#
_cell.length_a   71.930
_cell.length_b   78.250
_cell.length_c   56.170
_cell.angle_alpha   90.00
_cell.angle_beta   90.00
_cell.angle_gamma   90.00
#
_symmetry.space_group_name_H-M   'P 21 21 21'
#
loop_
_entity.id
_entity.type
_entity.pdbx_description
1 polymer 'coagulation Factor Xa'
2 polymer 'coagulation Factor Xa'
3 non-polymer 'CALCIUM ION'
4 non-polymer 4-[(6-CHLORO-2-NAPHTHALENYL)SULFONYL]-1-[[4-HYDROXYMETHYL-1-(4-PYRIDINYL)-4-PIPERIDINYL]METHYL]PIPERAZINONE
#
loop_
_entity_poly.entity_id
_entity_poly.type
_entity_poly.pdbx_seq_one_letter_code
_entity_poly.pdbx_strand_id
1 'polypeptide(L)'
;IVGGQECKDGECPWQALLINEENEGFCGGTILSEFYILTAAHCLYQAKRFKVRVGDRNTEQEEGGEAVHEVEVVIKHNRF
TKETYDFDIAVLRLKTPITFRMNVAPACLPERDWAESTLMTQKTGIVSGFGRTHEKGRQSTRLKMLEVPYVDRNSCKLSS
SFIITQNMFCAGYDTKQEDACQGDSGGPHVTRFKDTYFVTGIVSWGEGCARKGKYGIYTKVTAFLKWIDRSMKTR
;
A
2 'polypeptide(L)'
;YKDGDQCETSPCQNQGKCKDGLGEYTCTCLEGFEGKNCELFTRKLCSLDNGDCDQFCHEEQNSVVCSCARGYTLADNGKA
CIPTGPYPCGKQTLER
;
L
#
loop_
_chem_comp.id
_chem_comp.type
_chem_comp.name
_chem_comp.formula
CA non-polymer 'CALCIUM ION' 'Ca 2'
XMF non-polymer 4-[(6-CHLORO-2-NAPHTHALENYL)SULFONYL]-1-[[4-HYDROXYMETHYL-1-(4-PYRIDINYL)-4-PIPERIDINYL]METHYL]PIPERAZINONE 'C26 H29 Cl N4 O4 S'
#
# COMPACT_ATOMS: atom_id res chain seq x y z
N ILE A 1 -14.47 0.63 -0.86
CA ILE A 1 -14.33 -0.69 -0.18
C ILE A 1 -15.68 -1.37 0.04
N VAL A 2 -15.73 -2.68 -0.15
CA VAL A 2 -16.96 -3.42 0.06
C VAL A 2 -16.67 -4.35 1.22
N GLY A 3 -17.48 -4.28 2.27
CA GLY A 3 -17.25 -5.12 3.42
C GLY A 3 -16.11 -4.52 4.22
N GLY A 4 -15.30 -5.37 4.83
CA GLY A 4 -14.18 -4.88 5.62
C GLY A 4 -14.64 -4.20 6.88
N GLN A 5 -13.71 -3.90 7.76
CA GLN A 5 -14.06 -3.21 9.01
C GLN A 5 -13.79 -1.73 8.80
N GLU A 6 -13.81 -0.98 9.89
CA GLU A 6 -13.57 0.45 9.85
C GLU A 6 -12.18 0.70 10.44
N CYS A 7 -11.37 1.55 9.80
CA CYS A 7 -10.02 1.83 10.32
C CYS A 7 -10.14 2.52 11.69
N LYS A 8 -9.74 1.83 12.74
CA LYS A 8 -9.85 2.43 14.06
C LYS A 8 -8.63 3.26 14.39
N ASP A 9 -8.87 4.22 15.27
CA ASP A 9 -7.86 5.15 15.72
C ASP A 9 -6.47 4.51 15.75
N GLY A 10 -5.64 4.88 14.78
CA GLY A 10 -4.28 4.37 14.74
C GLY A 10 -4.02 3.11 13.95
N GLU A 11 -5.06 2.52 13.38
CA GLU A 11 -4.91 1.28 12.62
C GLU A 11 -4.35 1.42 11.22
N CYS A 12 -4.84 2.39 10.45
CA CYS A 12 -4.36 2.62 9.09
C CYS A 12 -3.74 4.01 9.03
N PRO A 13 -2.59 4.20 9.71
CA PRO A 13 -1.91 5.49 9.75
C PRO A 13 -1.09 5.85 8.53
N TRP A 14 -0.93 4.91 7.61
CA TRP A 14 -0.16 5.16 6.40
C TRP A 14 -1.02 5.51 5.22
N GLN A 15 -2.34 5.45 5.41
CA GLN A 15 -3.25 5.78 4.34
C GLN A 15 -3.04 7.24 3.99
N ALA A 16 -3.32 7.60 2.75
CA ALA A 16 -3.20 8.97 2.26
C ALA A 16 -4.31 9.09 1.24
N LEU A 17 -4.85 10.29 1.08
CA LEU A 17 -5.95 10.50 0.14
C LEU A 17 -5.69 11.70 -0.77
N LEU A 18 -5.83 11.49 -2.07
CA LEU A 18 -5.63 12.54 -3.05
C LEU A 18 -6.97 13.21 -3.35
N ILE A 19 -7.07 14.50 -3.04
CA ILE A 19 -8.29 15.27 -3.23
C ILE A 19 -8.19 16.27 -4.39
N ASN A 20 -9.33 16.54 -5.03
CA ASN A 20 -9.40 17.47 -6.16
C ASN A 20 -9.78 18.92 -5.76
N GLU A 21 -9.85 19.79 -6.76
CA GLU A 21 -10.23 21.20 -6.58
C GLU A 21 -11.37 21.30 -5.58
N GLU A 22 -12.45 20.57 -5.89
CA GLU A 22 -13.64 20.55 -5.06
C GLU A 22 -13.39 19.99 -3.67
N ASN A 23 -12.16 19.55 -3.40
CA ASN A 23 -11.82 19.01 -2.09
C ASN A 23 -12.52 17.67 -1.87
N GLU A 24 -12.64 16.90 -2.96
CA GLU A 24 -13.29 15.58 -2.94
C GLU A 24 -12.22 14.51 -3.08
N GLY A 25 -12.37 13.43 -2.31
CA GLY A 25 -11.41 12.36 -2.41
C GLY A 25 -11.67 11.62 -3.70
N PHE A 26 -10.61 11.24 -4.42
CA PHE A 26 -10.82 10.53 -5.67
C PHE A 26 -9.82 9.40 -5.93
N CYS A 27 -8.95 9.15 -4.96
CA CYS A 27 -7.93 8.10 -5.06
C CYS A 27 -7.14 8.02 -3.75
N GLY A 28 -6.49 6.88 -3.50
CA GLY A 28 -5.72 6.70 -2.29
C GLY A 28 -4.24 6.95 -2.49
N GLY A 29 -3.45 6.65 -1.47
CA GLY A 29 -2.00 6.84 -1.53
C GLY A 29 -1.38 6.15 -0.34
N THR A 30 -0.05 6.08 -0.28
CA THR A 30 0.61 5.42 0.86
C THR A 30 1.85 6.16 1.28
N ILE A 31 1.81 6.73 2.48
CA ILE A 31 2.95 7.48 2.98
C ILE A 31 4.14 6.53 3.08
N LEU A 32 5.25 6.89 2.45
CA LEU A 32 6.44 6.06 2.50
C LEU A 32 7.44 6.70 3.47
N SER A 33 7.59 8.01 3.35
CA SER A 33 8.47 8.77 4.21
C SER A 33 7.77 10.10 4.49
N GLU A 34 8.45 11.04 5.13
CA GLU A 34 7.85 12.34 5.42
C GLU A 34 7.59 13.16 4.16
N PHE A 35 8.39 12.91 3.11
CA PHE A 35 8.29 13.64 1.85
C PHE A 35 7.64 12.92 0.68
N TYR A 36 7.54 11.60 0.74
CA TYR A 36 6.99 10.85 -0.38
C TYR A 36 5.76 9.98 -0.16
N ILE A 37 4.81 10.10 -1.07
CA ILE A 37 3.57 9.32 -1.05
C ILE A 37 3.61 8.35 -2.25
N LEU A 38 3.19 7.10 -2.03
CA LEU A 38 3.18 6.09 -3.08
C LEU A 38 1.77 5.86 -3.57
N THR A 39 1.56 6.01 -4.87
CA THR A 39 0.22 5.84 -5.44
C THR A 39 0.19 5.27 -6.85
N ALA A 40 -0.99 4.86 -7.27
CA ALA A 40 -1.19 4.29 -8.60
C ALA A 40 -1.06 5.39 -9.62
N ALA A 41 -0.36 5.08 -10.71
CA ALA A 41 -0.10 6.01 -11.80
C ALA A 41 -1.28 6.41 -12.67
N HIS A 42 -2.38 5.65 -12.70
CA HIS A 42 -3.48 6.08 -13.54
C HIS A 42 -4.21 7.21 -12.85
N CYS A 43 -4.26 7.17 -11.51
CA CYS A 43 -4.93 8.21 -10.70
C CYS A 43 -4.44 9.59 -11.08
N LEU A 44 -3.25 9.65 -11.68
CA LEU A 44 -2.69 10.92 -12.10
C LEU A 44 -3.29 11.46 -13.39
N TYR A 45 -4.62 11.38 -13.49
CA TYR A 45 -5.36 11.87 -14.66
C TYR A 45 -6.78 12.33 -14.31
N GLN A 46 -7.25 11.97 -13.11
CA GLN A 46 -8.59 12.34 -12.67
C GLN A 46 -8.60 13.69 -11.95
N ALA A 47 -7.69 14.57 -12.33
CA ALA A 47 -7.63 15.89 -11.70
C ALA A 47 -6.62 16.83 -12.33
N LYS A 48 -7.08 18.03 -12.66
CA LYS A 48 -6.26 19.06 -13.28
C LYS A 48 -5.27 19.50 -12.22
N ARG A 49 -5.70 19.44 -10.96
CA ARG A 49 -4.85 19.80 -9.83
C ARG A 49 -5.40 19.12 -8.59
N PHE A 50 -4.49 18.54 -7.80
CA PHE A 50 -4.88 17.85 -6.57
C PHE A 50 -3.91 18.09 -5.41
N LYS A 51 -4.30 17.59 -4.25
CA LYS A 51 -3.51 17.71 -3.02
C LYS A 51 -3.65 16.38 -2.31
N VAL A 52 -2.67 16.02 -1.49
CA VAL A 52 -2.72 14.76 -0.76
C VAL A 52 -3.05 15.03 0.71
N ARG A 53 -4.19 14.51 1.16
CA ARG A 53 -4.61 14.70 2.53
C ARG A 53 -4.29 13.45 3.34
N VAL A 54 -3.61 13.64 4.47
CA VAL A 54 -3.27 12.51 5.31
C VAL A 54 -3.85 12.71 6.69
N GLY A 55 -3.84 11.65 7.48
CA GLY A 55 -4.35 11.70 8.84
C GLY A 55 -5.83 11.98 8.96
N ASP A 56 -6.61 11.58 7.98
CA ASP A 56 -8.05 11.81 8.02
C ASP A 56 -8.81 10.48 7.96
N ARG A 57 -9.65 10.23 8.96
CA ARG A 57 -10.41 8.98 9.00
C ARG A 57 -11.90 9.11 8.73
N ASN A 58 -12.44 10.30 8.95
CA ASN A 58 -13.86 10.53 8.72
C ASN A 58 -14.06 11.90 8.11
N THR A 59 -14.35 11.94 6.81
CA THR A 59 -14.57 13.18 6.10
C THR A 59 -15.86 13.86 6.51
N GLU A 60 -15.78 14.77 7.49
CA GLU A 60 -16.94 15.51 7.98
C GLU A 60 -16.87 15.97 9.43
N GLN A 61 -16.33 15.15 10.31
CA GLN A 61 -16.26 15.50 11.73
C GLN A 61 -14.87 15.79 12.28
N GLU A 62 -14.13 16.62 11.55
CA GLU A 62 -12.78 17.07 11.90
C GLU A 62 -12.09 16.42 13.11
N GLU A 63 -11.37 15.31 12.88
CA GLU A 63 -10.66 14.62 13.95
C GLU A 63 -9.51 15.45 14.50
N GLY A 64 -9.14 16.51 13.78
CA GLY A 64 -8.05 17.35 14.23
C GLY A 64 -6.69 16.91 13.70
N GLY A 65 -6.46 15.59 13.68
CA GLY A 65 -5.18 15.08 13.20
C GLY A 65 -4.99 15.09 11.68
N GLU A 66 -5.94 15.68 10.96
CA GLU A 66 -5.86 15.75 9.51
C GLU A 66 -4.61 16.54 9.11
N ALA A 67 -4.54 16.95 7.84
CA ALA A 67 -3.40 17.72 7.31
C ALA A 67 -3.36 17.57 5.79
N VAL A 68 -3.27 18.70 5.09
CA VAL A 68 -3.23 18.72 3.62
C VAL A 68 -1.89 19.23 3.08
N HIS A 69 -1.34 18.51 2.11
CA HIS A 69 -0.06 18.89 1.50
C HIS A 69 -0.18 19.04 -0.01
N GLU A 70 0.50 20.05 -0.55
CA GLU A 70 0.48 20.25 -1.98
C GLU A 70 1.66 19.50 -2.59
N VAL A 71 1.39 18.75 -3.65
CA VAL A 71 2.44 18.01 -4.32
C VAL A 71 3.50 18.97 -4.88
N GLU A 72 4.77 18.65 -4.71
CA GLU A 72 5.84 19.50 -5.23
C GLU A 72 6.04 19.13 -6.68
N VAL A 73 6.31 17.85 -6.91
CA VAL A 73 6.50 17.30 -8.25
C VAL A 73 5.91 15.90 -8.25
N VAL A 74 5.38 15.49 -9.39
CA VAL A 74 4.81 14.15 -9.51
C VAL A 74 5.67 13.34 -10.47
N ILE A 75 6.04 12.13 -10.05
CA ILE A 75 6.85 11.23 -10.83
C ILE A 75 5.99 10.04 -11.28
N LYS A 76 5.60 10.05 -12.55
CA LYS A 76 4.79 8.98 -13.11
C LYS A 76 5.75 7.99 -13.74
N HIS A 77 5.39 6.70 -13.76
CA HIS A 77 6.26 5.68 -14.36
C HIS A 77 6.19 5.78 -15.87
N ASN A 78 7.35 5.96 -16.49
CA ASN A 78 7.46 6.11 -17.94
C ASN A 78 6.64 5.10 -18.74
N ARG A 79 6.73 3.82 -18.38
CA ARG A 79 6.00 2.82 -19.11
C ARG A 79 4.58 2.58 -18.68
N PHE A 80 3.86 3.63 -18.30
CA PHE A 80 2.47 3.42 -17.93
C PHE A 80 1.73 3.32 -19.26
N THR A 81 0.57 2.68 -19.25
CA THR A 81 -0.22 2.51 -20.46
C THR A 81 -1.68 2.48 -20.12
N LYS A 82 -2.38 3.57 -20.37
CA LYS A 82 -3.80 3.62 -20.06
C LYS A 82 -4.52 2.43 -20.67
N GLU A 83 -3.98 1.93 -21.77
CA GLU A 83 -4.58 0.83 -22.49
C GLU A 83 -4.48 -0.53 -21.81
N THR A 84 -3.63 -0.65 -20.79
CA THR A 84 -3.51 -1.93 -20.12
C THR A 84 -3.12 -1.84 -18.65
N TYR A 85 -3.03 -0.63 -18.12
CA TYR A 85 -2.69 -0.46 -16.72
C TYR A 85 -1.41 -1.17 -16.30
N ASP A 86 -0.44 -1.30 -17.21
CA ASP A 86 0.80 -1.95 -16.84
C ASP A 86 1.76 -0.86 -16.40
N PHE A 87 2.41 -1.06 -15.25
CA PHE A 87 3.33 -0.08 -14.67
C PHE A 87 2.48 1.01 -14.04
N ASP A 88 1.32 0.59 -13.56
CA ASP A 88 0.37 1.48 -12.91
C ASP A 88 0.93 1.82 -11.55
N ILE A 89 1.89 2.75 -11.54
CA ILE A 89 2.53 3.17 -10.30
C ILE A 89 3.22 4.53 -10.42
N ALA A 90 3.08 5.35 -9.38
CA ALA A 90 3.69 6.68 -9.36
C ALA A 90 4.10 7.06 -7.96
N VAL A 91 4.91 8.12 -7.85
CA VAL A 91 5.34 8.59 -6.55
C VAL A 91 5.34 10.10 -6.48
N LEU A 92 4.54 10.63 -5.54
CA LEU A 92 4.40 12.08 -5.32
C LEU A 92 5.43 12.63 -4.33
N ARG A 93 5.86 13.86 -4.56
CA ARG A 93 6.82 14.52 -3.68
C ARG A 93 6.11 15.72 -3.06
N LEU A 94 6.05 15.73 -1.74
CA LEU A 94 5.39 16.82 -1.05
C LEU A 94 6.32 18.03 -0.93
N LYS A 95 5.74 19.22 -0.92
CA LYS A 95 6.49 20.46 -0.80
C LYS A 95 6.91 20.70 0.66
N THR A 96 6.07 20.23 1.59
CA THR A 96 6.36 20.36 3.03
C THR A 96 6.25 18.97 3.69
N PRO A 97 7.19 18.66 4.59
CA PRO A 97 7.28 17.39 5.32
C PRO A 97 5.98 16.99 5.99
N ILE A 98 5.72 15.69 6.03
CA ILE A 98 4.54 15.19 6.70
C ILE A 98 4.99 15.06 8.14
N THR A 99 4.20 15.57 9.09
CA THR A 99 4.60 15.43 10.49
C THR A 99 3.89 14.21 11.06
N PHE A 100 4.67 13.20 11.42
CA PHE A 100 4.10 11.97 11.94
C PHE A 100 3.46 12.08 13.31
N ARG A 101 2.22 11.62 13.42
CA ARG A 101 1.50 11.64 14.68
C ARG A 101 0.42 10.57 14.63
N MET A 102 -0.44 10.53 15.64
CA MET A 102 -1.52 9.55 15.65
C MET A 102 -2.16 9.55 14.28
N ASN A 103 -2.64 8.39 13.84
CA ASN A 103 -3.27 8.29 12.54
C ASN A 103 -2.45 8.99 11.46
N VAL A 104 -1.12 8.93 11.57
CA VAL A 104 -0.20 9.53 10.60
C VAL A 104 1.22 8.98 10.83
N ALA A 105 1.62 8.00 10.02
CA ALA A 105 2.94 7.40 10.13
C ALA A 105 3.23 6.71 8.81
N PRO A 106 4.51 6.58 8.43
CA PRO A 106 4.86 5.94 7.18
C PRO A 106 4.95 4.41 7.28
N ALA A 107 4.52 3.73 6.23
CA ALA A 107 4.57 2.26 6.16
C ALA A 107 5.92 1.80 5.61
N CYS A 108 6.42 0.67 6.06
CA CYS A 108 7.71 0.18 5.60
C CYS A 108 7.74 -0.35 4.18
N LEU A 109 8.94 -0.32 3.60
CA LEU A 109 9.23 -0.82 2.27
C LEU A 109 10.11 -2.05 2.51
N PRO A 110 9.72 -3.21 1.95
CA PRO A 110 10.46 -4.46 2.12
C PRO A 110 11.60 -4.61 1.12
N GLU A 111 12.23 -5.77 1.18
CA GLU A 111 13.34 -6.17 0.30
C GLU A 111 12.72 -7.15 -0.70
N ARG A 112 12.88 -6.86 -2.00
CA ARG A 112 12.34 -7.67 -3.09
C ARG A 112 12.29 -9.19 -2.82
N ASP A 113 13.44 -9.84 -2.83
CA ASP A 113 13.50 -11.28 -2.60
C ASP A 113 12.78 -11.68 -1.32
N TRP A 114 13.09 -11.02 -0.21
CA TRP A 114 12.45 -11.35 1.07
C TRP A 114 10.93 -11.26 1.01
N ALA A 115 10.42 -10.14 0.49
CA ALA A 115 8.98 -9.90 0.40
C ALA A 115 8.20 -10.90 -0.44
N GLU A 116 8.78 -11.35 -1.56
CA GLU A 116 8.12 -12.30 -2.43
C GLU A 116 8.05 -13.69 -1.80
N SER A 117 9.06 -14.02 -1.00
CA SER A 117 9.09 -15.32 -0.34
C SER A 117 8.26 -15.36 0.93
N THR A 118 8.38 -14.34 1.77
CA THR A 118 7.69 -14.28 3.05
C THR A 118 6.47 -13.36 3.14
N LEU A 119 6.49 -12.24 2.42
CA LEU A 119 5.37 -11.29 2.49
C LEU A 119 4.19 -11.56 1.60
N MET A 120 4.41 -12.20 0.45
CA MET A 120 3.31 -12.45 -0.46
C MET A 120 2.77 -13.87 -0.38
N THR A 121 3.56 -14.78 0.15
CA THR A 121 3.12 -16.16 0.26
C THR A 121 2.27 -16.25 1.51
N GLN A 122 2.12 -15.11 2.18
CA GLN A 122 1.32 -14.98 3.39
C GLN A 122 -0.10 -15.42 3.04
N LYS A 123 -0.99 -15.48 4.03
CA LYS A 123 -2.36 -15.87 3.73
C LYS A 123 -3.27 -14.70 3.34
N THR A 124 -2.99 -13.51 3.85
CA THR A 124 -3.82 -12.36 3.49
C THR A 124 -3.03 -11.05 3.43
N GLY A 125 -3.72 -9.97 3.06
CA GLY A 125 -3.10 -8.67 2.98
C GLY A 125 -4.13 -7.58 3.23
N ILE A 126 -3.67 -6.40 3.63
CA ILE A 126 -4.57 -5.30 3.92
C ILE A 126 -4.67 -4.32 2.76
N VAL A 127 -5.89 -3.83 2.54
CA VAL A 127 -6.16 -2.84 1.50
C VAL A 127 -7.22 -1.91 2.10
N SER A 128 -7.01 -0.60 1.98
CA SER A 128 -7.94 0.37 2.56
C SER A 128 -8.24 1.57 1.69
N GLY A 129 -9.26 2.33 2.08
CA GLY A 129 -9.63 3.50 1.32
C GLY A 129 -10.94 4.15 1.71
N PHE A 130 -11.33 5.15 0.91
CA PHE A 130 -12.57 5.90 1.08
C PHE A 130 -13.50 5.59 -0.10
N GLY A 131 -13.16 4.54 -0.86
CA GLY A 131 -13.95 4.16 -2.02
C GLY A 131 -15.32 3.57 -1.76
N ARG A 132 -16.13 3.48 -2.81
CA ARG A 132 -17.49 2.96 -2.74
C ARG A 132 -17.69 1.67 -1.95
N THR A 133 -18.81 1.61 -1.23
CA THR A 133 -19.14 0.47 -0.40
C THR A 133 -19.92 -0.60 -1.15
N HIS A 134 -20.39 -0.24 -2.34
CA HIS A 134 -21.14 -1.15 -3.20
C HIS A 134 -20.68 -0.84 -4.63
N GLU A 135 -20.66 -1.85 -5.49
CA GLU A 135 -20.18 -1.64 -6.85
C GLU A 135 -20.72 -0.41 -7.58
N LYS A 136 -21.92 0.03 -7.24
CA LYS A 136 -22.50 1.19 -7.89
C LYS A 136 -22.97 2.24 -6.88
N GLY A 137 -22.33 2.26 -5.72
CA GLY A 137 -22.70 3.21 -4.69
C GLY A 137 -21.91 4.50 -4.71
N ARG A 138 -21.98 5.24 -3.60
CA ARG A 138 -21.29 6.50 -3.40
C ARG A 138 -19.90 6.20 -2.85
N GLN A 139 -19.10 7.24 -2.66
CA GLN A 139 -17.74 7.07 -2.13
C GLN A 139 -17.89 6.58 -0.68
N SER A 140 -17.21 7.23 0.26
CA SER A 140 -17.33 6.84 1.66
C SER A 140 -16.76 7.92 2.58
N THR A 141 -17.49 8.23 3.64
CA THR A 141 -17.04 9.26 4.57
C THR A 141 -16.08 8.67 5.59
N ARG A 142 -16.25 7.40 5.91
CA ARG A 142 -15.39 6.72 6.88
C ARG A 142 -14.29 5.92 6.17
N LEU A 143 -13.05 6.02 6.66
CA LEU A 143 -11.95 5.28 6.07
C LEU A 143 -12.06 3.80 6.42
N LYS A 144 -11.96 2.94 5.41
CA LYS A 144 -12.08 1.50 5.65
C LYS A 144 -10.84 0.67 5.32
N MET A 145 -10.77 -0.52 5.91
CA MET A 145 -9.66 -1.43 5.67
C MET A 145 -10.22 -2.85 5.54
N LEU A 146 -9.85 -3.52 4.46
CA LEU A 146 -10.32 -4.88 4.18
C LEU A 146 -9.17 -5.88 4.17
N GLU A 147 -9.42 -7.07 4.68
CA GLU A 147 -8.40 -8.12 4.69
C GLU A 147 -8.56 -9.02 3.46
N VAL A 148 -7.83 -8.73 2.39
CA VAL A 148 -7.92 -9.51 1.15
C VAL A 148 -6.88 -10.62 1.10
N PRO A 149 -7.33 -11.88 1.06
CA PRO A 149 -6.36 -13.00 1.01
C PRO A 149 -5.70 -13.07 -0.37
N TYR A 150 -4.48 -13.62 -0.42
CA TYR A 150 -3.78 -13.72 -1.70
C TYR A 150 -4.44 -14.72 -2.65
N VAL A 151 -4.45 -14.37 -3.93
CA VAL A 151 -5.05 -15.23 -4.95
C VAL A 151 -4.02 -15.94 -5.81
N ASP A 152 -4.30 -17.20 -6.14
CA ASP A 152 -3.42 -17.99 -6.98
C ASP A 152 -3.18 -17.20 -8.27
N ARG A 153 -1.97 -17.20 -8.78
CA ARG A 153 -1.70 -16.42 -9.97
C ARG A 153 -2.35 -16.96 -11.25
N ASN A 154 -2.56 -18.27 -11.34
CA ASN A 154 -3.17 -18.81 -12.54
C ASN A 154 -4.69 -18.69 -12.55
N SER A 155 -5.32 -18.90 -11.39
CA SER A 155 -6.76 -18.75 -11.32
C SER A 155 -6.96 -17.28 -11.63
N CYS A 156 -5.99 -16.50 -11.16
CA CYS A 156 -5.94 -15.06 -11.35
C CYS A 156 -6.09 -14.82 -12.84
N LYS A 157 -5.09 -15.28 -13.60
CA LYS A 157 -5.06 -15.13 -15.03
C LYS A 157 -6.29 -15.66 -15.74
N LEU A 158 -6.76 -16.85 -15.35
CA LEU A 158 -7.93 -17.44 -15.99
C LEU A 158 -9.24 -16.70 -15.74
N SER A 159 -9.40 -16.17 -14.53
CA SER A 159 -10.61 -15.45 -14.18
C SER A 159 -10.73 -14.10 -14.88
N SER A 160 -9.60 -13.44 -15.09
CA SER A 160 -9.64 -12.13 -15.72
C SER A 160 -10.22 -12.15 -17.13
N SER A 161 -10.31 -10.97 -17.71
CA SER A 161 -10.83 -10.77 -19.06
C SER A 161 -9.77 -9.93 -19.72
N PHE A 162 -8.70 -9.68 -18.96
CA PHE A 162 -7.59 -8.87 -19.44
C PHE A 162 -6.27 -9.46 -18.93
N ILE A 163 -5.19 -9.15 -19.63
CA ILE A 163 -3.87 -9.67 -19.27
C ILE A 163 -3.40 -9.24 -17.89
N ILE A 164 -2.74 -10.15 -17.18
CA ILE A 164 -2.19 -9.85 -15.86
C ILE A 164 -0.66 -9.82 -16.01
N THR A 165 -0.11 -8.65 -16.33
CA THR A 165 1.34 -8.50 -16.53
C THR A 165 2.24 -8.80 -15.31
N GLN A 166 3.55 -8.83 -15.54
CA GLN A 166 4.53 -9.09 -14.48
C GLN A 166 4.34 -8.15 -13.31
N ASN A 167 3.93 -6.92 -13.63
CA ASN A 167 3.71 -5.90 -12.61
C ASN A 167 2.26 -5.88 -12.15
N MET A 168 1.77 -7.01 -11.65
CA MET A 168 0.38 -7.09 -11.21
C MET A 168 0.18 -8.36 -10.41
N PHE A 169 -0.87 -8.39 -9.61
CA PHE A 169 -1.19 -9.59 -8.84
C PHE A 169 -2.59 -9.51 -8.31
N CYS A 170 -3.25 -10.66 -8.23
CA CYS A 170 -4.63 -10.77 -7.76
C CYS A 170 -4.72 -10.88 -6.24
N ALA A 171 -5.89 -10.53 -5.71
CA ALA A 171 -6.15 -10.62 -4.27
C ALA A 171 -7.63 -10.39 -4.06
N GLY A 172 -8.20 -11.08 -3.08
CA GLY A 172 -9.61 -10.93 -2.78
C GLY A 172 -10.43 -12.21 -2.71
N TYR A 173 -11.61 -12.18 -3.32
CA TYR A 173 -12.50 -13.33 -3.30
C TYR A 173 -13.22 -13.62 -4.61
N ASP A 174 -13.56 -14.88 -4.81
CA ASP A 174 -14.30 -15.30 -5.98
C ASP A 174 -15.77 -14.98 -5.68
N THR A 175 -16.29 -15.46 -4.56
CA THR A 175 -17.68 -15.22 -4.23
C THR A 175 -17.95 -14.21 -3.12
N LYS A 176 -17.13 -14.18 -2.07
CA LYS A 176 -17.39 -13.27 -0.97
C LYS A 176 -17.50 -11.81 -1.40
N GLN A 177 -18.57 -11.15 -0.98
CA GLN A 177 -18.80 -9.75 -1.32
C GLN A 177 -17.83 -8.82 -0.59
N GLU A 178 -16.55 -8.92 -0.93
CA GLU A 178 -15.54 -8.06 -0.31
C GLU A 178 -14.43 -7.77 -1.31
N ASP A 179 -14.16 -6.48 -1.51
CA ASP A 179 -13.14 -6.05 -2.46
C ASP A 179 -13.06 -4.53 -2.57
N ALA A 180 -11.92 -4.02 -3.04
CA ALA A 180 -11.75 -2.60 -3.20
C ALA A 180 -12.74 -2.19 -4.27
N CYS A 181 -12.80 -0.91 -4.58
CA CYS A 181 -13.73 -0.45 -5.61
C CYS A 181 -13.34 0.93 -6.12
N GLN A 182 -14.27 1.61 -6.78
CA GLN A 182 -13.96 2.94 -7.30
C GLN A 182 -13.45 3.86 -6.18
N GLY A 183 -12.44 4.66 -6.50
CA GLY A 183 -11.91 5.57 -5.50
C GLY A 183 -10.87 5.00 -4.55
N ASP A 184 -10.57 3.71 -4.69
CA ASP A 184 -9.57 3.07 -3.85
C ASP A 184 -8.24 2.93 -4.60
N SER A 185 -8.27 3.22 -5.90
CA SER A 185 -7.07 3.13 -6.73
C SER A 185 -5.95 3.96 -6.10
N GLY A 186 -4.72 3.44 -6.19
CA GLY A 186 -3.59 4.12 -5.61
C GLY A 186 -3.50 3.79 -4.14
N GLY A 187 -4.62 3.35 -3.56
CA GLY A 187 -4.65 3.00 -2.16
C GLY A 187 -3.58 2.00 -1.74
N PRO A 188 -3.23 1.94 -0.45
CA PRO A 188 -2.20 1.01 -0.03
C PRO A 188 -2.70 -0.43 0.07
N HIS A 189 -1.78 -1.37 -0.16
CA HIS A 189 -2.04 -2.80 -0.01
C HIS A 189 -0.89 -3.21 0.88
N VAL A 190 -1.13 -3.31 2.18
CA VAL A 190 -0.05 -3.67 3.08
C VAL A 190 -0.21 -5.08 3.63
N THR A 191 0.92 -5.68 3.99
CA THR A 191 0.93 -7.01 4.55
C THR A 191 1.51 -6.88 5.96
N ARG A 192 0.85 -7.51 6.92
CA ARG A 192 1.30 -7.46 8.30
C ARG A 192 2.17 -8.67 8.56
N PHE A 193 3.24 -8.45 9.31
CA PHE A 193 4.19 -9.49 9.69
C PHE A 193 4.83 -9.13 11.02
N LYS A 194 4.31 -9.71 12.10
CA LYS A 194 4.85 -9.45 13.43
C LYS A 194 4.58 -8.00 13.82
N ASP A 195 3.31 -7.60 13.78
CA ASP A 195 2.92 -6.25 14.16
C ASP A 195 3.59 -5.16 13.35
N THR A 196 4.10 -5.51 12.17
CA THR A 196 4.71 -4.51 11.27
C THR A 196 4.14 -4.70 9.86
N TYR A 197 3.73 -3.63 9.23
CA TYR A 197 3.15 -3.70 7.91
C TYR A 197 4.08 -3.18 6.83
N PHE A 198 4.17 -3.90 5.70
CA PHE A 198 5.03 -3.51 4.57
C PHE A 198 4.18 -3.19 3.36
N VAL A 199 4.58 -2.18 2.59
CA VAL A 199 3.81 -1.79 1.40
C VAL A 199 4.02 -2.79 0.30
N THR A 200 3.17 -3.81 0.27
CA THR A 200 3.27 -4.86 -0.74
C THR A 200 2.31 -4.70 -1.91
N GLY A 201 2.01 -3.48 -2.34
CA GLY A 201 1.11 -3.34 -3.47
C GLY A 201 0.24 -2.10 -3.55
N ILE A 202 0.00 -1.64 -4.76
CA ILE A 202 -0.80 -0.45 -5.04
C ILE A 202 -2.13 -0.82 -5.67
N VAL A 203 -3.23 -0.36 -5.09
CA VAL A 203 -4.54 -0.68 -5.67
C VAL A 203 -4.48 -0.21 -7.13
N SER A 204 -4.67 -1.15 -8.05
CA SER A 204 -4.61 -0.82 -9.47
C SER A 204 -5.97 -0.89 -10.16
N TRP A 205 -6.48 -2.11 -10.36
CA TRP A 205 -7.76 -2.24 -11.03
C TRP A 205 -8.59 -3.47 -10.70
N GLY A 206 -9.79 -3.51 -11.30
CA GLY A 206 -10.71 -4.61 -11.11
C GLY A 206 -11.83 -4.53 -12.13
N GLU A 207 -12.48 -5.65 -12.40
CA GLU A 207 -13.60 -5.67 -13.34
C GLU A 207 -14.86 -5.62 -12.50
N GLY A 208 -15.25 -4.40 -12.13
CA GLY A 208 -16.43 -4.26 -11.28
C GLY A 208 -15.97 -4.30 -9.84
N CYS A 209 -16.89 -4.56 -8.92
CA CYS A 209 -16.53 -4.60 -7.51
C CYS A 209 -17.19 -5.80 -6.81
N ALA A 210 -16.36 -6.73 -6.36
CA ALA A 210 -16.84 -7.92 -5.68
C ALA A 210 -17.71 -8.78 -6.57
N ARG A 211 -17.41 -8.79 -7.86
CA ARG A 211 -18.15 -9.62 -8.82
C ARG A 211 -17.66 -11.06 -8.73
N LYS A 212 -18.57 -12.01 -8.77
CA LYS A 212 -18.18 -13.41 -8.69
C LYS A 212 -17.18 -13.82 -9.76
N GLY A 213 -16.24 -14.66 -9.35
CA GLY A 213 -15.23 -15.16 -10.26
C GLY A 213 -14.30 -14.12 -10.80
N LYS A 214 -14.37 -12.92 -10.23
CA LYS A 214 -13.50 -11.84 -10.64
C LYS A 214 -12.74 -11.42 -9.38
N TYR A 215 -11.51 -10.97 -9.56
CA TYR A 215 -10.67 -10.58 -8.44
C TYR A 215 -10.27 -9.10 -8.47
N GLY A 216 -9.43 -8.70 -7.51
CA GLY A 216 -8.97 -7.33 -7.46
C GLY A 216 -7.51 -7.31 -7.85
N ILE A 217 -7.18 -6.56 -8.89
CA ILE A 217 -5.80 -6.52 -9.38
C ILE A 217 -4.97 -5.37 -8.81
N TYR A 218 -3.88 -5.72 -8.12
CA TYR A 218 -3.01 -4.72 -7.52
C TYR A 218 -1.69 -4.62 -8.28
N THR A 219 -0.93 -3.57 -8.00
CA THR A 219 0.38 -3.35 -8.61
C THR A 219 1.40 -4.09 -7.73
N LYS A 220 2.36 -4.79 -8.35
CA LYS A 220 3.36 -5.54 -7.59
C LYS A 220 4.54 -4.68 -7.14
N VAL A 221 4.38 -4.02 -5.99
CA VAL A 221 5.44 -3.15 -5.46
C VAL A 221 6.83 -3.81 -5.50
N THR A 222 6.94 -5.05 -5.04
CA THR A 222 8.23 -5.73 -5.05
C THR A 222 8.89 -5.67 -6.42
N ALA A 223 8.07 -5.64 -7.47
CA ALA A 223 8.60 -5.57 -8.83
C ALA A 223 9.14 -4.18 -9.14
N PHE A 224 8.75 -3.18 -8.34
CA PHE A 224 9.18 -1.81 -8.56
C PHE A 224 10.17 -1.19 -7.58
N LEU A 225 10.43 -1.88 -6.46
CA LEU A 225 11.36 -1.40 -5.45
C LEU A 225 12.49 -0.49 -5.93
N LYS A 226 13.46 -1.03 -6.66
CA LYS A 226 14.56 -0.19 -7.15
C LYS A 226 14.06 1.13 -7.72
N TRP A 227 12.90 1.10 -8.37
CA TRP A 227 12.33 2.30 -8.97
C TRP A 227 11.93 3.27 -7.86
N ILE A 228 11.20 2.80 -6.87
CA ILE A 228 10.77 3.64 -5.78
C ILE A 228 12.01 4.30 -5.17
N ASP A 229 13.07 3.54 -4.97
CA ASP A 229 14.30 4.10 -4.42
C ASP A 229 14.79 5.20 -5.33
N ARG A 230 15.01 4.86 -6.60
CA ARG A 230 15.49 5.82 -7.59
C ARG A 230 14.52 6.99 -7.76
N SER A 231 13.35 6.90 -7.14
CA SER A 231 12.36 7.96 -7.25
C SER A 231 12.34 8.83 -6.02
N MET A 232 12.73 8.26 -4.89
CA MET A 232 12.75 9.00 -3.64
C MET A 232 14.07 9.78 -3.54
N LYS A 233 14.65 10.05 -4.70
CA LYS A 233 15.86 10.84 -4.85
C LYS A 233 15.42 11.76 -5.99
N THR A 234 14.16 11.55 -6.40
CA THR A 234 13.46 12.25 -7.47
C THR A 234 14.05 12.01 -8.85
N ARG A 235 13.21 11.53 -9.76
CA ARG A 235 13.65 11.24 -11.13
C ARG A 235 12.44 10.99 -12.03
N LYS B 44 20.98 -22.32 9.28
CA LYS B 44 20.63 -21.59 8.07
C LYS B 44 19.14 -21.74 7.76
N LEU B 45 18.78 -21.51 6.49
CA LEU B 45 17.41 -21.63 6.04
C LEU B 45 16.49 -20.55 6.61
N CYS B 46 16.24 -19.50 5.83
CA CYS B 46 15.33 -18.44 6.26
C CYS B 46 13.93 -18.99 6.07
N SER B 47 13.87 -20.30 5.87
CA SER B 47 12.60 -20.96 5.65
C SER B 47 11.99 -21.49 6.94
N LEU B 48 12.82 -22.01 7.85
CA LEU B 48 12.30 -22.57 9.09
C LEU B 48 11.22 -21.68 9.72
N ASP B 49 11.59 -20.46 10.08
CA ASP B 49 10.67 -19.50 10.66
C ASP B 49 11.33 -18.14 10.43
N ASN B 50 11.31 -17.73 9.17
CA ASN B 50 11.94 -16.49 8.74
C ASN B 50 13.34 -16.35 9.30
N GLY B 51 13.95 -17.49 9.61
CA GLY B 51 15.31 -17.48 10.13
C GLY B 51 15.44 -16.88 11.51
N ASP B 52 14.31 -16.66 12.17
CA ASP B 52 14.23 -16.10 13.51
C ASP B 52 14.45 -14.59 13.53
N CYS B 53 14.24 -13.95 12.38
CA CYS B 53 14.41 -12.51 12.27
C CYS B 53 13.09 -11.80 12.48
N ASP B 54 13.16 -10.51 12.81
CA ASP B 54 11.95 -9.72 12.98
C ASP B 54 11.59 -9.13 11.62
N GLN B 55 12.53 -9.23 10.68
CA GLN B 55 12.30 -8.68 9.37
C GLN B 55 13.01 -9.39 8.22
N PHE B 56 13.75 -8.62 7.42
CA PHE B 56 14.46 -9.16 6.29
C PHE B 56 15.35 -10.30 6.72
N CYS B 57 15.53 -11.27 5.83
CA CYS B 57 16.37 -12.43 6.11
C CYS B 57 17.15 -12.77 4.84
N HIS B 58 18.35 -13.29 5.00
CA HIS B 58 19.19 -13.69 3.87
C HIS B 58 19.99 -14.90 4.29
N GLU B 59 20.47 -15.67 3.33
CA GLU B 59 21.22 -16.86 3.67
C GLU B 59 22.70 -16.77 3.29
N GLU B 60 23.37 -15.72 3.73
CA GLU B 60 24.78 -15.51 3.44
C GLU B 60 25.53 -16.84 3.36
N GLN B 61 25.70 -17.33 2.13
CA GLN B 61 26.39 -18.58 1.84
C GLN B 61 26.05 -19.76 2.75
N ASN B 62 26.53 -19.71 3.98
CA ASN B 62 26.29 -20.80 4.91
C ASN B 62 25.06 -20.66 5.82
N SER B 63 25.08 -19.67 6.70
CA SER B 63 23.97 -19.46 7.63
C SER B 63 23.07 -18.30 7.20
N VAL B 64 22.32 -17.75 8.17
CA VAL B 64 21.43 -16.66 7.85
C VAL B 64 21.81 -15.34 8.51
N VAL B 65 21.45 -14.25 7.85
CA VAL B 65 21.72 -12.91 8.35
C VAL B 65 20.45 -12.08 8.39
N CYS B 66 20.22 -11.38 9.50
CA CYS B 66 19.04 -10.55 9.64
C CYS B 66 19.35 -9.07 9.41
N SER B 67 18.33 -8.31 9.03
CA SER B 67 18.44 -6.87 8.80
C SER B 67 17.04 -6.27 8.95
N CYS B 68 16.94 -4.95 9.01
CA CYS B 68 15.65 -4.31 9.16
C CYS B 68 15.44 -3.20 8.15
N ALA B 69 14.23 -2.65 8.16
CA ALA B 69 13.84 -1.57 7.27
C ALA B 69 14.57 -0.31 7.72
N ARG B 70 14.39 0.79 6.98
CA ARG B 70 15.01 2.05 7.35
C ARG B 70 14.44 2.40 8.71
N GLY B 71 14.94 3.47 9.32
CA GLY B 71 14.43 3.86 10.62
C GLY B 71 14.58 2.82 11.70
N TYR B 72 15.26 1.71 11.40
CA TYR B 72 15.47 0.67 12.41
C TYR B 72 16.94 0.37 12.61
N THR B 73 17.23 -0.53 13.54
CA THR B 73 18.60 -0.94 13.83
C THR B 73 18.55 -2.36 14.37
N LEU B 74 19.46 -3.19 13.88
CA LEU B 74 19.51 -4.57 14.31
C LEU B 74 19.93 -4.57 15.77
N ALA B 75 19.19 -5.29 16.59
CA ALA B 75 19.52 -5.37 18.01
C ALA B 75 20.86 -6.07 18.11
N ASP B 76 21.33 -6.31 19.31
CA ASP B 76 22.61 -6.96 19.50
C ASP B 76 22.56 -8.44 19.15
N ASN B 77 21.37 -9.04 19.19
CA ASN B 77 21.27 -10.45 18.89
C ASN B 77 21.20 -10.70 17.39
N GLY B 78 21.50 -9.67 16.62
CA GLY B 78 21.50 -9.76 15.16
C GLY B 78 20.22 -10.29 14.57
N LYS B 79 19.20 -10.46 15.41
CA LYS B 79 17.91 -10.99 14.94
C LYS B 79 16.74 -10.01 15.03
N ALA B 80 16.67 -9.23 16.10
CA ALA B 80 15.56 -8.31 16.24
C ALA B 80 15.73 -6.98 15.53
N CYS B 81 14.70 -6.13 15.63
CA CYS B 81 14.73 -4.81 15.01
C CYS B 81 14.24 -3.76 15.99
N ILE B 82 15.06 -2.73 16.18
CA ILE B 82 14.73 -1.67 17.12
C ILE B 82 14.57 -0.31 16.46
N PRO B 83 13.45 0.37 16.76
CA PRO B 83 13.12 1.69 16.23
C PRO B 83 14.12 2.74 16.72
N THR B 84 14.64 3.53 15.80
CA THR B 84 15.60 4.57 16.16
C THR B 84 14.88 5.91 16.28
N GLY B 85 13.56 5.89 16.24
CA GLY B 85 12.80 7.12 16.33
C GLY B 85 11.44 6.88 16.94
N PRO B 86 10.62 7.93 17.10
CA PRO B 86 9.28 7.85 17.69
C PRO B 86 8.13 7.39 16.78
N TYR B 87 8.28 7.55 15.47
CA TYR B 87 7.25 7.12 14.54
C TYR B 87 7.87 6.26 13.45
N PRO B 88 8.22 5.01 13.82
CA PRO B 88 8.84 4.03 12.93
C PRO B 88 7.87 3.42 11.94
N CYS B 89 8.36 3.15 10.73
CA CYS B 89 7.51 2.58 9.68
C CYS B 89 6.97 1.20 10.04
N GLY B 90 5.77 0.92 9.51
CA GLY B 90 5.13 -0.36 9.74
C GLY B 90 4.28 -0.43 10.98
N LYS B 91 4.59 0.39 11.99
CA LYS B 91 3.84 0.40 13.25
C LYS B 91 2.60 1.27 13.28
N GLN B 92 1.53 0.74 13.86
CA GLN B 92 0.25 1.44 13.98
C GLN B 92 0.30 2.45 15.11
N THR B 93 0.04 3.72 14.82
CA THR B 93 0.06 4.73 15.87
C THR B 93 -0.89 4.32 17.00
N LEU B 94 -0.48 4.57 18.24
CA LEU B 94 -1.27 4.20 19.41
C LEU B 94 -0.81 4.99 20.63
CA CA C . -12.02 15.08 8.97
C1 XMF D . -12.58 -1.40 -9.06
C2 XMF D . -12.40 -0.10 -9.67
C3 XMF D . -10.09 -1.44 -8.34
C4 XMF D . -9.93 -0.11 -8.99
C5 XMF D . -11.05 0.53 -9.62
C6 XMF D . -11.48 -2.11 -8.40
CL7 XMF D . -7.92 -4.28 -6.28
C8 XMF D . -11.65 -3.42 -7.76
C9 XMF D . -9.01 -2.15 -7.68
C10 XMF D . -10.56 -4.06 -7.12
C11 XMF D . -9.23 -3.44 -7.07
S12 XMF D . -13.74 0.69 -10.45
O13 XMF D . -15.06 0.14 -9.89
C14 XMF D . -14.13 -1.15 -14.18
C15 XMF D . -13.99 -1.00 -12.63
N16 XMF D . -13.72 0.41 -12.16
C17 XMF D . -12.43 0.76 -14.44
O18 XMF D . -11.64 1.47 -15.07
C19 XMF D . -12.65 1.11 -12.92
N20 XMF D . -13.17 -0.33 -15.01
O21 XMF D . -13.69 2.21 -10.22
C22 XMF D . -13.00 -0.71 -16.45
C23 XMF D . -5.69 -4.61 -17.98
N24 XMF D . -8.98 -2.46 -17.91
C25 XMF D . -7.76 -3.21 -18.39
C26 XMF D . -6.84 -3.91 -17.46
C27 XMF D . -9.94 -1.73 -18.90
C28 XMF D . -7.42 -3.29 -19.84
C29 XMF D . -9.30 -2.41 -16.38
C30 XMF D . -11.80 -1.61 -16.95
C31 XMF D . -12.39 -3.06 -17.21
O32 XMF D . -12.99 -3.72 -16.11
C33 XMF D . -11.22 -0.98 -18.28
N34 XMF D . -5.41 -4.65 -19.34
C35 XMF D . -6.24 -4.02 -20.25
C36 XMF D . -10.57 -1.60 -15.93
#